data_2CX8
#
_entry.id   2CX8
#
_cell.length_a   53.866
_cell.length_b   77.821
_cell.length_c   55.085
_cell.angle_alpha   90.00
_cell.angle_beta   115.12
_cell.angle_gamma   90.00
#
_symmetry.space_group_name_H-M   'P 1 21 1'
#
loop_
_entity.id
_entity.type
_entity.pdbx_description
1 polymer 'methyl transferase'
2 non-polymer S-ADENOSYL-L-HOMOCYSTEINE
3 water water
#
_entity_poly.entity_id   1
_entity_poly.type   'polypeptide(L)'
_entity_poly.pdbx_seq_one_letter_code
;(MSE)RPHRAFSPGLTGVLPLRETRHLVEVLRARVGDRFTVFDGEREALAEVVDLGPPLRYRVLEERRPEREVGVEVVLY
VALLKGDKLAEVVRAATELGATRIQPLVTRHSVPKE(MSE)GEGKLRRLRAVALEAAKQSGRVVVPEVLPPIPLKAVPQV
AQGLVAHVGATARVREVLDPEKPLALAVGPEGGFAEEEVALLEARGFTPVSLGRRILRAETAALALLALCTAGEGR
;
_entity_poly.pdbx_strand_id   A,B
#
loop_
_chem_comp.id
_chem_comp.type
_chem_comp.name
_chem_comp.formula
SAH non-polymer S-ADENOSYL-L-HOMOCYSTEINE 'C14 H20 N6 O5 S'
#
# COMPACT_ATOMS: atom_id res chain seq x y z
N HIS A 4 -9.36 -5.56 -24.66
CA HIS A 4 -8.70 -4.46 -23.90
C HIS A 4 -9.60 -4.00 -22.74
N ARG A 5 -9.00 -3.65 -21.60
CA ARG A 5 -9.78 -3.18 -20.47
C ARG A 5 -9.60 -1.66 -20.39
N ALA A 6 -10.72 -0.94 -20.35
CA ALA A 6 -10.70 0.52 -20.32
C ALA A 6 -11.40 1.14 -19.10
N PHE A 7 -10.73 2.12 -18.50
CA PHE A 7 -11.22 2.82 -17.32
C PHE A 7 -12.37 3.78 -17.65
N SER A 8 -13.52 3.56 -17.03
CA SER A 8 -14.70 4.40 -17.23
C SER A 8 -15.39 4.53 -15.87
N PRO A 9 -15.23 5.68 -15.21
CA PRO A 9 -15.81 6.00 -13.89
C PRO A 9 -17.33 5.98 -13.79
N GLY A 10 -17.88 4.82 -13.43
CA GLY A 10 -19.32 4.72 -13.30
C GLY A 10 -19.96 3.82 -14.33
N LEU A 11 -19.23 3.47 -15.39
CA LEU A 11 -19.80 2.61 -16.42
C LEU A 11 -21.05 3.29 -16.95
N THR A 12 -20.94 4.60 -17.19
CA THR A 12 -22.06 5.43 -17.67
C THR A 12 -22.34 5.32 -19.17
N GLY A 13 -21.38 4.78 -19.92
CA GLY A 13 -21.57 4.66 -21.36
C GLY A 13 -20.75 5.71 -22.07
N VAL A 14 -20.01 6.50 -21.30
CA VAL A 14 -19.16 7.56 -21.82
C VAL A 14 -17.74 7.36 -21.30
N LEU A 15 -16.78 7.34 -22.20
CA LEU A 15 -15.39 7.16 -21.80
C LEU A 15 -14.63 8.46 -21.55
N PRO A 16 -13.69 8.44 -20.60
CA PRO A 16 -12.91 9.63 -20.31
C PRO A 16 -12.11 9.99 -21.57
N LEU A 17 -11.92 11.28 -21.82
CA LEU A 17 -11.18 11.70 -22.99
C LEU A 17 -9.86 10.93 -23.17
N ARG A 18 -9.23 10.53 -22.08
CA ARG A 18 -7.97 9.79 -22.18
C ARG A 18 -8.18 8.41 -22.78
N GLU A 19 -9.01 7.60 -22.11
CA GLU A 19 -9.31 6.26 -22.57
C GLU A 19 -9.92 6.29 -23.97
N THR A 20 -10.65 7.36 -24.26
CA THR A 20 -11.31 7.51 -25.55
C THR A 20 -10.26 7.65 -26.66
N ARG A 21 -9.30 8.53 -26.46
CA ARG A 21 -8.27 8.75 -27.44
C ARG A 21 -7.45 7.47 -27.63
N HIS A 22 -7.02 6.87 -26.53
CA HIS A 22 -6.21 5.66 -26.58
C HIS A 22 -6.82 4.52 -27.38
N LEU A 23 -8.10 4.25 -27.14
CA LEU A 23 -8.81 3.18 -27.81
C LEU A 23 -9.05 3.46 -29.29
N VAL A 24 -9.29 4.73 -29.62
CA VAL A 24 -9.55 5.15 -30.99
C VAL A 24 -8.27 5.51 -31.76
N GLU A 25 -7.34 6.21 -31.11
CA GLU A 25 -6.09 6.62 -31.75
C GLU A 25 -5.04 5.51 -31.82
N VAL A 26 -4.90 4.73 -30.76
CA VAL A 26 -3.90 3.68 -30.75
C VAL A 26 -4.41 2.31 -31.18
N LEU A 27 -5.38 1.78 -30.45
CA LEU A 27 -5.93 0.46 -30.76
C LEU A 27 -6.87 0.43 -31.97
N ARG A 28 -7.17 1.61 -32.52
CA ARG A 28 -8.04 1.68 -33.69
C ARG A 28 -9.39 1.01 -33.48
N ALA A 29 -10.23 1.65 -32.66
CA ALA A 29 -11.56 1.14 -32.37
C ALA A 29 -12.56 1.54 -33.46
N ARG A 30 -13.65 0.80 -33.54
CA ARG A 30 -14.69 1.06 -34.53
C ARG A 30 -16.02 0.66 -33.92
N VAL A 31 -17.08 1.38 -34.27
CA VAL A 31 -18.42 1.07 -33.76
C VAL A 31 -18.65 -0.42 -33.97
N GLY A 32 -19.11 -1.08 -32.92
CA GLY A 32 -19.33 -2.51 -33.03
C GLY A 32 -18.23 -3.29 -32.30
N ASP A 33 -17.08 -2.65 -32.09
CA ASP A 33 -15.97 -3.29 -31.38
C ASP A 33 -16.35 -3.57 -29.93
N ARG A 34 -16.16 -4.81 -29.50
CA ARG A 34 -16.45 -5.19 -28.13
C ARG A 34 -15.17 -5.08 -27.30
N PHE A 35 -15.29 -4.51 -26.11
CA PHE A 35 -14.16 -4.36 -25.19
C PHE A 35 -14.72 -4.37 -23.75
N THR A 36 -13.84 -4.33 -22.76
CA THR A 36 -14.32 -4.36 -21.37
C THR A 36 -14.04 -3.03 -20.66
N VAL A 37 -14.97 -2.63 -19.79
CA VAL A 37 -14.82 -1.40 -19.02
C VAL A 37 -14.81 -1.69 -17.52
N PHE A 38 -14.24 -0.79 -16.73
CA PHE A 38 -14.15 -0.98 -15.29
C PHE A 38 -13.96 0.37 -14.59
N ASP A 39 -14.04 0.39 -13.26
CA ASP A 39 -13.85 1.63 -12.50
C ASP A 39 -13.38 1.39 -11.06
N GLY A 40 -13.06 0.15 -10.71
CA GLY A 40 -12.63 -0.08 -9.36
C GLY A 40 -13.72 -0.75 -8.53
N GLU A 41 -14.92 -0.83 -9.07
CA GLU A 41 -16.02 -1.47 -8.37
C GLU A 41 -16.70 -2.48 -9.26
N ARG A 42 -16.80 -2.14 -10.53
CA ARG A 42 -17.43 -3.02 -11.48
C ARG A 42 -16.58 -3.24 -12.72
N GLU A 43 -17.05 -4.16 -13.56
CA GLU A 43 -16.39 -4.49 -14.80
C GLU A 43 -17.49 -5.03 -15.69
N ALA A 44 -17.41 -4.74 -16.98
CA ALA A 44 -18.44 -5.23 -17.91
C ALA A 44 -17.94 -5.28 -19.35
N LEU A 45 -18.68 -6.03 -20.17
CA LEU A 45 -18.35 -6.15 -21.59
C LEU A 45 -19.12 -5.03 -22.29
N ALA A 46 -18.39 -4.16 -22.98
CA ALA A 46 -19.01 -3.05 -23.67
C ALA A 46 -18.85 -3.17 -25.18
N GLU A 47 -19.69 -2.44 -25.89
CA GLU A 47 -19.70 -2.41 -27.35
C GLU A 47 -19.62 -0.92 -27.70
N VAL A 48 -18.71 -0.57 -28.59
CA VAL A 48 -18.57 0.83 -28.99
C VAL A 48 -19.85 1.26 -29.71
N VAL A 49 -20.35 2.44 -29.35
CA VAL A 49 -21.56 2.96 -29.97
C VAL A 49 -21.23 4.10 -30.91
N ASP A 50 -20.35 4.98 -30.48
CA ASP A 50 -19.94 6.13 -31.29
C ASP A 50 -18.51 6.47 -30.88
N LEU A 51 -17.68 6.88 -31.83
CA LEU A 51 -16.30 7.23 -31.49
C LEU A 51 -16.21 8.64 -30.92
N GLY A 52 -17.29 9.42 -31.06
CA GLY A 52 -17.30 10.78 -30.55
C GLY A 52 -16.24 11.66 -31.19
N PRO A 53 -15.26 12.16 -30.42
CA PRO A 53 -15.05 11.98 -28.98
C PRO A 53 -15.97 12.82 -28.08
N PRO A 54 -16.20 12.37 -26.84
CA PRO A 54 -15.66 11.15 -26.24
C PRO A 54 -16.40 9.89 -26.74
N LEU A 55 -15.69 8.78 -26.83
CA LEU A 55 -16.28 7.54 -27.30
C LEU A 55 -17.40 7.09 -26.38
N ARG A 56 -18.48 6.58 -26.97
CA ARG A 56 -19.64 6.10 -26.21
C ARG A 56 -19.86 4.61 -26.42
N TYR A 57 -20.33 3.92 -25.39
CA TYR A 57 -20.54 2.48 -25.46
C TYR A 57 -21.77 2.03 -24.69
N ARG A 58 -22.24 0.84 -25.02
CA ARG A 58 -23.37 0.28 -24.32
C ARG A 58 -22.88 -1.00 -23.63
N VAL A 59 -23.35 -1.21 -22.40
CA VAL A 59 -22.96 -2.37 -21.62
C VAL A 59 -23.65 -3.68 -22.05
N LEU A 60 -22.87 -4.62 -22.55
CA LEU A 60 -23.39 -5.91 -22.97
C LEU A 60 -23.72 -6.83 -21.79
N GLU A 61 -22.72 -7.10 -20.96
CA GLU A 61 -22.89 -7.98 -19.80
C GLU A 61 -22.02 -7.56 -18.61
N GLU A 62 -22.66 -7.37 -17.46
CA GLU A 62 -21.97 -6.98 -16.23
C GLU A 62 -20.99 -8.10 -15.88
N ARG A 63 -19.77 -7.72 -15.51
CA ARG A 63 -18.74 -8.69 -15.15
C ARG A 63 -18.30 -8.58 -13.69
N ARG A 64 -17.49 -9.55 -13.27
CA ARG A 64 -16.96 -9.60 -11.92
C ARG A 64 -15.50 -9.13 -11.93
N PRO A 65 -15.23 -7.97 -11.32
CA PRO A 65 -13.87 -7.42 -11.27
C PRO A 65 -12.85 -8.41 -10.73
N GLU A 66 -11.67 -8.41 -11.32
CA GLU A 66 -10.62 -9.30 -10.84
C GLU A 66 -10.12 -8.65 -9.55
N ARG A 67 -10.23 -9.37 -8.44
CA ARG A 67 -9.81 -8.85 -7.14
C ARG A 67 -8.58 -9.53 -6.57
N GLU A 68 -8.47 -10.82 -6.81
CA GLU A 68 -7.36 -11.57 -6.27
C GLU A 68 -6.00 -11.30 -6.88
N VAL A 69 -4.97 -11.60 -6.10
CA VAL A 69 -3.60 -11.42 -6.50
C VAL A 69 -3.27 -12.37 -7.65
N GLY A 70 -3.82 -13.58 -7.58
CA GLY A 70 -3.57 -14.53 -8.65
C GLY A 70 -2.81 -15.74 -8.20
N VAL A 71 -2.27 -15.66 -7.00
CA VAL A 71 -1.51 -16.75 -6.38
C VAL A 71 -1.80 -16.70 -4.90
N GLU A 72 -1.60 -17.81 -4.21
CA GLU A 72 -1.82 -17.84 -2.77
C GLU A 72 -0.82 -16.92 -2.08
N VAL A 73 -1.28 -16.12 -1.13
CA VAL A 73 -0.39 -15.24 -0.39
C VAL A 73 -0.63 -15.52 1.08
N VAL A 74 0.35 -16.18 1.72
CA VAL A 74 0.27 -16.58 3.12
C VAL A 74 1.12 -15.71 4.04
N LEU A 75 0.48 -14.97 4.93
CA LEU A 75 1.24 -14.14 5.87
C LEU A 75 1.48 -14.91 7.18
N TYR A 76 2.75 -15.05 7.53
CA TYR A 76 3.15 -15.72 8.77
C TYR A 76 3.56 -14.58 9.69
N VAL A 77 2.68 -14.22 10.61
CA VAL A 77 2.95 -13.11 11.49
C VAL A 77 3.05 -13.52 12.95
N ALA A 78 4.09 -13.05 13.61
CA ALA A 78 4.29 -13.35 15.00
C ALA A 78 3.18 -12.73 15.84
N LEU A 79 2.73 -13.45 16.85
CA LEU A 79 1.71 -12.98 17.76
C LEU A 79 2.13 -11.62 18.29
N LEU A 80 1.22 -10.65 18.20
CA LEU A 80 1.49 -9.31 18.69
C LEU A 80 0.66 -9.00 19.93
N LYS A 81 1.15 -8.06 20.71
CA LYS A 81 0.47 -7.67 21.94
C LYS A 81 -0.82 -6.94 21.59
N GLY A 82 -1.80 -7.00 22.48
CA GLY A 82 -3.07 -6.32 22.28
C GLY A 82 -3.86 -6.66 21.04
N ASP A 83 -4.46 -5.64 20.45
CA ASP A 83 -5.27 -5.82 19.25
C ASP A 83 -4.54 -5.40 17.97
N LYS A 84 -3.21 -5.46 18.00
CA LYS A 84 -2.44 -5.09 16.82
C LYS A 84 -2.73 -6.02 15.66
N LEU A 85 -2.93 -7.29 15.94
CA LEU A 85 -3.23 -8.26 14.89
C LEU A 85 -4.55 -8.01 14.19
N ALA A 86 -5.38 -7.14 14.75
CA ALA A 86 -6.67 -6.83 14.11
C ALA A 86 -6.36 -5.89 12.97
N GLU A 87 -5.41 -5.00 13.19
CA GLU A 87 -4.97 -4.04 12.20
C GLU A 87 -4.30 -4.81 11.07
N VAL A 88 -3.31 -5.64 11.43
CA VAL A 88 -2.59 -6.43 10.46
C VAL A 88 -3.59 -7.17 9.58
N VAL A 89 -4.52 -7.89 10.21
CA VAL A 89 -5.49 -8.67 9.45
C VAL A 89 -6.28 -7.81 8.47
N ARG A 90 -6.73 -6.66 8.94
CA ARG A 90 -7.51 -5.75 8.10
C ARG A 90 -6.68 -5.32 6.88
N ALA A 91 -5.46 -4.88 7.12
CA ALA A 91 -4.59 -4.44 6.03
C ALA A 91 -4.16 -5.58 5.13
N ALA A 92 -3.96 -6.77 5.68
CA ALA A 92 -3.53 -7.86 4.84
C ALA A 92 -4.68 -8.34 3.95
N THR A 93 -5.90 -8.21 4.43
CA THR A 93 -7.04 -8.64 3.65
C THR A 93 -7.21 -7.71 2.47
N GLU A 94 -7.12 -6.40 2.71
CA GLU A 94 -7.27 -5.46 1.63
C GLU A 94 -6.05 -5.48 0.72
N LEU A 95 -4.92 -5.95 1.25
CA LEU A 95 -3.70 -6.04 0.45
C LEU A 95 -3.59 -7.38 -0.28
N GLY A 96 -4.54 -8.28 -0.02
CA GLY A 96 -4.55 -9.55 -0.72
C GLY A 96 -4.10 -10.87 -0.10
N ALA A 97 -3.79 -10.91 1.18
CA ALA A 97 -3.37 -12.19 1.74
C ALA A 97 -4.49 -13.21 1.53
N THR A 98 -4.12 -14.46 1.31
CA THR A 98 -5.12 -15.51 1.13
C THR A 98 -5.27 -16.29 2.43
N ARG A 99 -4.27 -16.14 3.29
CA ARG A 99 -4.28 -16.81 4.55
C ARG A 99 -3.34 -16.14 5.51
N ILE A 100 -3.75 -16.09 6.77
CA ILE A 100 -2.93 -15.47 7.79
C ILE A 100 -2.61 -16.51 8.86
N GLN A 101 -1.31 -16.67 9.12
CA GLN A 101 -0.84 -17.65 10.09
C GLN A 101 -0.02 -17.03 11.20
N PRO A 102 -0.61 -16.91 12.40
CA PRO A 102 0.09 -16.33 13.55
C PRO A 102 1.13 -17.38 14.04
N LEU A 103 2.28 -16.88 14.49
CA LEU A 103 3.34 -17.77 14.94
C LEU A 103 3.71 -17.43 16.36
N VAL A 104 3.99 -18.47 17.14
CA VAL A 104 4.44 -18.30 18.52
C VAL A 104 5.94 -18.21 18.34
N THR A 105 6.55 -17.09 18.70
CA THR A 105 7.99 -16.97 18.53
C THR A 105 8.76 -16.74 19.84
N ARG A 106 10.07 -16.86 19.77
CA ARG A 106 10.91 -16.70 20.94
C ARG A 106 10.54 -15.41 21.66
N HIS A 107 10.51 -14.29 20.94
CA HIS A 107 10.21 -13.02 21.58
C HIS A 107 8.78 -12.51 21.61
N SER A 108 7.84 -13.24 21.00
CA SER A 108 6.46 -12.76 21.05
C SER A 108 5.95 -12.88 22.49
N VAL A 109 5.38 -11.80 23.01
CA VAL A 109 4.85 -11.78 24.37
C VAL A 109 3.76 -12.84 24.50
N PRO A 110 2.63 -12.67 23.79
CA PRO A 110 1.63 -13.71 23.94
C PRO A 110 2.23 -14.97 23.36
N LYS A 111 1.87 -16.12 23.91
CA LYS A 111 2.38 -17.40 23.45
C LYS A 111 1.23 -18.26 22.95
N GLU A 112 0.02 -17.74 23.04
CA GLU A 112 -1.15 -18.45 22.56
C GLU A 112 -2.25 -17.45 22.23
N MSE A 113 -3.36 -17.95 21.69
CA MSE A 113 -4.48 -17.11 21.32
C MSE A 113 -5.77 -17.89 21.54
O MSE A 113 -5.92 -19.00 21.04
CB MSE A 113 -4.36 -16.71 19.84
CG MSE A 113 -5.55 -15.88 19.32
SE MSE A 113 -5.40 -15.42 17.42
CE MSE A 113 -5.93 -17.08 16.65
N GLY A 114 -6.70 -17.30 22.28
CA GLY A 114 -7.95 -17.99 22.54
C GLY A 114 -8.99 -17.84 21.45
N GLU A 115 -10.05 -18.62 21.59
CA GLU A 115 -11.18 -18.65 20.68
C GLU A 115 -11.76 -17.25 20.42
N GLY A 116 -11.82 -16.44 21.47
CA GLY A 116 -12.38 -15.11 21.31
C GLY A 116 -11.62 -14.19 20.38
N LYS A 117 -10.29 -14.23 20.47
CA LYS A 117 -9.42 -13.41 19.64
C LYS A 117 -9.46 -13.91 18.21
N LEU A 118 -9.42 -15.22 18.04
CA LEU A 118 -9.47 -15.79 16.71
C LEU A 118 -10.79 -15.42 16.04
N ARG A 119 -11.87 -15.39 16.81
CA ARG A 119 -13.18 -15.01 16.27
C ARG A 119 -13.17 -13.58 15.74
N ARG A 120 -12.68 -12.64 16.55
CA ARG A 120 -12.64 -11.25 16.16
C ARG A 120 -11.78 -11.02 14.91
N LEU A 121 -10.63 -11.69 14.85
CA LEU A 121 -9.76 -11.56 13.68
C LEU A 121 -10.52 -12.11 12.49
N ARG A 122 -11.25 -13.19 12.68
CA ARG A 122 -12.01 -13.76 11.59
C ARG A 122 -13.13 -12.82 11.19
N ALA A 123 -13.72 -12.15 12.17
CA ALA A 123 -14.79 -11.22 11.88
C ALA A 123 -14.17 -10.07 11.09
N VAL A 124 -12.95 -9.69 11.45
CA VAL A 124 -12.25 -8.61 10.77
C VAL A 124 -11.91 -8.98 9.32
N ALA A 125 -11.44 -10.21 9.10
CA ALA A 125 -11.09 -10.64 7.76
C ALA A 125 -12.32 -10.51 6.86
N LEU A 126 -13.44 -11.04 7.34
CA LEU A 126 -14.71 -11.00 6.62
C LEU A 126 -15.15 -9.59 6.27
N GLU A 127 -15.11 -8.67 7.22
CA GLU A 127 -15.52 -7.31 6.95
C GLU A 127 -14.59 -6.67 5.93
N ALA A 128 -13.28 -6.79 6.18
CA ALA A 128 -12.26 -6.22 5.31
C ALA A 128 -12.35 -6.76 3.88
N ALA A 129 -12.72 -8.02 3.73
CA ALA A 129 -12.82 -8.60 2.41
C ALA A 129 -13.98 -7.93 1.68
N LYS A 130 -15.04 -7.65 2.43
CA LYS A 130 -16.21 -7.02 1.88
C LYS A 130 -15.87 -5.60 1.45
N GLN A 131 -15.24 -4.85 2.35
CA GLN A 131 -14.88 -3.48 2.06
C GLN A 131 -13.75 -3.33 1.03
N SER A 132 -12.99 -4.39 0.79
CA SER A 132 -11.92 -4.31 -0.19
C SER A 132 -12.41 -4.83 -1.54
N GLY A 133 -13.68 -5.26 -1.58
CA GLY A 133 -14.27 -5.75 -2.81
C GLY A 133 -14.05 -7.22 -3.11
N ARG A 134 -13.30 -7.90 -2.25
CA ARG A 134 -13.02 -9.32 -2.47
C ARG A 134 -14.20 -10.19 -2.10
N VAL A 135 -14.22 -11.40 -2.65
CA VAL A 135 -15.26 -12.37 -2.34
C VAL A 135 -14.55 -13.39 -1.46
N VAL A 136 -13.30 -13.67 -1.80
CA VAL A 136 -12.48 -14.60 -1.04
C VAL A 136 -12.19 -13.98 0.32
N VAL A 137 -12.37 -14.76 1.38
CA VAL A 137 -12.07 -14.29 2.71
C VAL A 137 -10.84 -15.02 3.20
N PRO A 138 -9.80 -14.26 3.60
CA PRO A 138 -8.56 -14.85 4.09
C PRO A 138 -8.83 -15.75 5.27
N GLU A 139 -8.24 -16.94 5.26
CA GLU A 139 -8.41 -17.85 6.38
C GLU A 139 -7.46 -17.43 7.49
N VAL A 140 -7.95 -17.36 8.71
CA VAL A 140 -7.10 -17.00 9.86
C VAL A 140 -7.03 -18.21 10.77
N LEU A 141 -5.87 -18.85 10.77
CA LEU A 141 -5.65 -20.05 11.55
C LEU A 141 -5.16 -19.80 12.96
N PRO A 142 -5.32 -20.80 13.86
CA PRO A 142 -4.87 -20.70 15.26
C PRO A 142 -3.34 -20.60 15.21
N PRO A 143 -2.74 -20.00 16.23
CA PRO A 143 -1.28 -19.90 16.18
C PRO A 143 -0.54 -21.25 16.16
N ILE A 144 0.68 -21.23 15.64
CA ILE A 144 1.53 -22.40 15.58
C ILE A 144 2.95 -21.98 15.89
N PRO A 145 3.79 -22.94 16.29
CA PRO A 145 5.17 -22.60 16.62
C PRO A 145 5.92 -22.30 15.33
N LEU A 146 6.96 -21.48 15.44
CA LEU A 146 7.77 -21.12 14.30
C LEU A 146 8.20 -22.37 13.55
N LYS A 147 8.71 -23.34 14.29
CA LYS A 147 9.21 -24.58 13.67
C LYS A 147 8.24 -25.24 12.73
N ALA A 148 6.94 -25.07 12.95
CA ALA A 148 5.94 -25.71 12.09
C ALA A 148 5.76 -24.99 10.76
N VAL A 149 6.47 -23.88 10.59
CA VAL A 149 6.39 -23.18 9.32
C VAL A 149 7.00 -24.18 8.33
N PRO A 150 6.22 -24.56 7.31
CA PRO A 150 6.64 -25.51 6.29
C PRO A 150 7.65 -25.01 5.25
N GLN A 151 8.19 -25.95 4.48
CA GLN A 151 9.12 -25.60 3.42
C GLN A 151 8.23 -24.83 2.47
N VAL A 152 8.74 -23.74 1.91
CA VAL A 152 7.94 -22.93 1.00
C VAL A 152 8.54 -22.77 -0.37
N ALA A 153 7.69 -22.56 -1.36
CA ALA A 153 8.14 -22.37 -2.74
C ALA A 153 8.77 -21.00 -2.86
N GLN A 154 8.15 -20.02 -2.21
CA GLN A 154 8.67 -18.67 -2.26
C GLN A 154 8.36 -18.00 -0.93
N GLY A 155 9.41 -17.71 -0.18
CA GLY A 155 9.24 -17.07 1.09
C GLY A 155 10.07 -15.82 1.22
N LEU A 156 9.46 -14.78 1.77
CA LEU A 156 10.14 -13.53 2.01
C LEU A 156 9.96 -13.22 3.49
N VAL A 157 11.07 -13.04 4.20
CA VAL A 157 10.99 -12.70 5.62
C VAL A 157 11.57 -11.33 5.85
N ALA A 158 10.76 -10.46 6.45
CA ALA A 158 11.21 -9.11 6.75
C ALA A 158 12.20 -9.19 7.92
N HIS A 159 13.44 -8.82 7.66
CA HIS A 159 14.43 -8.89 8.71
C HIS A 159 15.17 -7.59 8.84
N VAL A 160 15.36 -7.13 10.07
CA VAL A 160 16.08 -5.90 10.30
C VAL A 160 17.49 -6.04 9.72
N GLY A 161 18.14 -7.16 10.03
CA GLY A 161 19.47 -7.39 9.52
C GLY A 161 19.46 -8.04 8.14
N ALA A 162 18.86 -7.34 7.17
CA ALA A 162 18.75 -7.84 5.81
C ALA A 162 19.10 -6.75 4.80
N THR A 163 19.50 -7.16 3.60
CA THR A 163 19.88 -6.21 2.55
C THR A 163 19.15 -6.29 1.20
N ALA A 164 18.62 -7.46 0.85
CA ALA A 164 17.92 -7.64 -0.43
C ALA A 164 16.55 -6.94 -0.54
N ARG A 165 16.30 -6.32 -1.68
CA ARG A 165 15.03 -5.64 -1.92
C ARG A 165 14.04 -6.70 -2.35
N VAL A 166 12.76 -6.44 -2.15
CA VAL A 166 11.75 -7.40 -2.55
C VAL A 166 11.70 -7.54 -4.07
N ARG A 167 11.71 -6.41 -4.77
CA ARG A 167 11.64 -6.41 -6.23
C ARG A 167 12.85 -7.02 -6.90
N GLU A 168 13.79 -7.54 -6.13
CA GLU A 168 14.96 -8.17 -6.73
C GLU A 168 14.88 -9.69 -6.60
N VAL A 169 13.92 -10.16 -5.80
CA VAL A 169 13.75 -11.58 -5.57
C VAL A 169 12.37 -12.10 -5.97
N LEU A 170 11.37 -11.29 -5.72
CA LEU A 170 9.99 -11.65 -6.02
C LEU A 170 9.70 -12.28 -7.38
N ASP A 171 9.01 -13.42 -7.35
CA ASP A 171 8.60 -14.14 -8.54
C ASP A 171 7.06 -14.08 -8.50
N PRO A 172 6.44 -13.22 -9.30
CA PRO A 172 4.98 -13.04 -9.35
C PRO A 172 4.15 -14.26 -9.72
N GLU A 173 4.78 -15.26 -10.34
CA GLU A 173 4.06 -16.46 -10.75
C GLU A 173 3.94 -17.53 -9.66
N LYS A 174 4.86 -17.53 -8.71
CA LYS A 174 4.80 -18.53 -7.66
C LYS A 174 4.02 -17.97 -6.49
N PRO A 175 3.47 -18.86 -5.64
CA PRO A 175 2.71 -18.40 -4.48
C PRO A 175 3.67 -17.69 -3.54
N LEU A 176 3.13 -16.93 -2.60
CA LEU A 176 3.98 -16.19 -1.69
C LEU A 176 3.78 -16.57 -0.24
N ALA A 177 4.89 -16.61 0.49
CA ALA A 177 4.91 -16.91 1.92
C ALA A 177 5.66 -15.72 2.52
N LEU A 178 5.05 -15.05 3.49
CA LEU A 178 5.68 -13.89 4.09
C LEU A 178 5.82 -14.06 5.59
N ALA A 179 6.84 -13.45 6.18
CA ALA A 179 7.05 -13.56 7.61
C ALA A 179 7.53 -12.27 8.23
N VAL A 180 6.85 -11.91 9.32
CA VAL A 180 7.15 -10.71 10.10
C VAL A 180 7.30 -11.12 11.56
N GLY A 181 8.27 -10.53 12.25
CA GLY A 181 8.48 -10.86 13.64
C GLY A 181 7.65 -9.99 14.58
N PRO A 182 7.62 -10.33 15.88
CA PRO A 182 6.87 -9.61 16.91
C PRO A 182 7.62 -8.34 17.27
N GLU A 183 7.12 -7.61 18.27
CA GLU A 183 7.75 -6.37 18.70
C GLU A 183 9.25 -6.55 18.95
N GLY A 184 9.61 -7.63 19.63
CA GLY A 184 11.01 -7.87 19.92
C GLY A 184 11.80 -8.25 18.67
N GLY A 185 11.11 -8.80 17.69
CA GLY A 185 11.75 -9.20 16.45
C GLY A 185 12.18 -10.66 16.42
N PHE A 186 12.52 -11.17 15.25
CA PHE A 186 12.99 -12.55 15.14
C PHE A 186 14.40 -12.66 15.72
N ALA A 187 14.67 -13.78 16.37
CA ALA A 187 16.00 -14.02 16.94
C ALA A 187 16.93 -14.43 15.80
N GLU A 188 18.22 -14.56 16.09
CA GLU A 188 19.18 -14.97 15.08
C GLU A 188 18.87 -16.40 14.60
N GLU A 189 18.55 -17.28 15.53
CA GLU A 189 18.26 -18.67 15.19
C GLU A 189 17.00 -18.81 14.36
N GLU A 190 16.02 -17.95 14.64
CA GLU A 190 14.74 -17.98 13.93
C GLU A 190 14.86 -17.55 12.47
N VAL A 191 15.53 -16.44 12.23
CA VAL A 191 15.68 -15.97 10.87
C VAL A 191 16.36 -17.05 10.04
N ALA A 192 17.39 -17.67 10.63
CA ALA A 192 18.15 -18.74 10.00
C ALA A 192 17.22 -19.91 9.69
N LEU A 193 16.39 -20.25 10.67
CA LEU A 193 15.44 -21.34 10.51
C LEU A 193 14.48 -21.00 9.38
N LEU A 194 13.96 -19.78 9.39
CA LEU A 194 13.04 -19.34 8.35
C LEU A 194 13.75 -19.38 7.00
N GLU A 195 15.02 -19.02 7.00
CA GLU A 195 15.81 -19.05 5.78
C GLU A 195 15.98 -20.49 5.28
N ALA A 196 16.02 -21.44 6.20
CA ALA A 196 16.15 -22.84 5.83
C ALA A 196 14.84 -23.36 5.27
N ARG A 197 13.74 -22.69 5.64
CA ARG A 197 12.41 -23.08 5.19
C ARG A 197 12.10 -22.59 3.77
N GLY A 198 12.95 -21.69 3.28
CA GLY A 198 12.77 -21.16 1.94
C GLY A 198 12.52 -19.66 1.89
N PHE A 199 12.70 -18.96 3.01
CA PHE A 199 12.48 -17.52 3.03
C PHE A 199 13.77 -16.75 2.74
N THR A 200 13.65 -15.72 1.91
CA THR A 200 14.77 -14.86 1.56
C THR A 200 14.65 -13.61 2.43
N PRO A 201 15.65 -13.36 3.29
CA PRO A 201 15.55 -12.15 4.12
C PRO A 201 15.40 -10.91 3.24
N VAL A 202 14.63 -9.93 3.69
CA VAL A 202 14.47 -8.73 2.90
C VAL A 202 14.41 -7.49 3.78
N SER A 203 14.92 -6.40 3.23
CA SER A 203 14.94 -5.11 3.91
C SER A 203 13.66 -4.34 3.62
N LEU A 204 13.19 -3.61 4.62
CA LEU A 204 12.01 -2.77 4.44
C LEU A 204 12.49 -1.35 4.66
N GLY A 205 13.78 -1.13 4.41
CA GLY A 205 14.35 0.19 4.59
C GLY A 205 15.22 0.34 5.82
N ARG A 206 15.76 1.54 5.99
CA ARG A 206 16.67 1.86 7.10
C ARG A 206 16.05 2.16 8.46
N ARG A 207 14.74 2.40 8.53
CA ARG A 207 14.12 2.70 9.82
C ARG A 207 13.43 1.49 10.43
N ILE A 208 13.51 1.37 11.76
CA ILE A 208 12.84 0.25 12.42
C ILE A 208 11.35 0.53 12.31
N LEU A 209 10.60 -0.46 11.89
CA LEU A 209 9.17 -0.25 11.72
C LEU A 209 8.40 -1.12 12.69
N ARG A 210 7.18 -0.70 13.04
CA ARG A 210 6.35 -1.53 13.90
C ARG A 210 6.00 -2.78 13.10
N ALA A 211 5.83 -3.91 13.78
CA ALA A 211 5.45 -5.14 13.12
C ALA A 211 4.23 -4.96 12.21
N GLU A 212 3.26 -4.13 12.65
CA GLU A 212 2.05 -3.87 11.88
C GLU A 212 2.39 -3.20 10.54
N THR A 213 3.22 -2.18 10.61
CA THR A 213 3.63 -1.44 9.43
C THR A 213 4.52 -2.28 8.52
N ALA A 214 5.30 -3.18 9.11
CA ALA A 214 6.20 -4.04 8.35
C ALA A 214 5.38 -4.99 7.50
N ALA A 215 4.39 -5.64 8.12
CA ALA A 215 3.53 -6.55 7.36
C ALA A 215 2.82 -5.76 6.26
N LEU A 216 2.35 -4.55 6.57
CA LEU A 216 1.71 -3.76 5.54
C LEU A 216 2.71 -3.48 4.41
N ALA A 217 3.88 -2.95 4.76
CA ALA A 217 4.91 -2.63 3.77
C ALA A 217 5.30 -3.83 2.90
N LEU A 218 5.62 -4.94 3.54
CA LEU A 218 6.03 -6.16 2.85
C LEU A 218 4.94 -6.65 1.91
N LEU A 219 3.70 -6.66 2.38
CA LEU A 219 2.58 -7.10 1.56
C LEU A 219 2.34 -6.15 0.38
N ALA A 220 2.40 -4.84 0.66
CA ALA A 220 2.19 -3.80 -0.35
C ALA A 220 3.17 -3.98 -1.51
N LEU A 221 4.43 -4.26 -1.16
CA LEU A 221 5.48 -4.46 -2.16
C LEU A 221 5.27 -5.68 -3.05
N CYS A 222 4.56 -6.69 -2.55
CA CYS A 222 4.32 -7.92 -3.34
C CYS A 222 3.00 -7.95 -4.09
N THR A 223 2.04 -7.15 -3.64
CA THR A 223 0.75 -7.12 -4.28
C THR A 223 0.40 -5.76 -4.89
N ALA A 224 -0.12 -4.84 -4.08
CA ALA A 224 -0.48 -3.52 -4.58
C ALA A 224 0.61 -2.94 -5.47
N GLY A 225 1.86 -3.17 -5.09
CA GLY A 225 2.96 -2.64 -5.86
C GLY A 225 3.08 -3.18 -7.27
N GLU A 226 2.78 -4.46 -7.44
CA GLU A 226 2.87 -5.08 -8.75
C GLU A 226 1.55 -4.86 -9.50
N GLY A 227 0.72 -3.97 -8.96
CA GLY A 227 -0.55 -3.68 -9.58
C GLY A 227 -1.53 -4.84 -9.59
N ARG A 228 -1.25 -5.89 -8.84
CA ARG A 228 -2.16 -7.03 -8.81
C ARG A 228 -2.99 -7.14 -7.51
N ARG B 56 39.50 -8.35 1.69
CA ARG B 56 39.56 -7.88 3.11
C ARG B 56 39.15 -6.42 3.23
N TYR B 57 39.25 -5.91 4.45
CA TYR B 57 38.90 -4.52 4.75
C TYR B 57 39.27 -4.22 6.19
N ARG B 58 38.91 -3.03 6.65
CA ARG B 58 39.18 -2.63 8.02
C ARG B 58 38.28 -1.47 8.41
N VAL B 59 37.63 -1.61 9.57
CA VAL B 59 36.75 -0.57 10.07
C VAL B 59 37.57 0.72 10.16
N LEU B 60 37.38 1.60 9.18
CA LEU B 60 38.09 2.87 9.12
C LEU B 60 37.49 3.94 10.04
N GLU B 61 36.23 3.78 10.40
CA GLU B 61 35.55 4.76 11.25
C GLU B 61 34.07 4.45 11.49
N GLU B 62 33.71 4.16 12.74
CA GLU B 62 32.32 3.87 13.08
C GLU B 62 31.53 5.16 12.95
N ARG B 63 30.21 5.02 12.83
CA ARG B 63 29.34 6.18 12.71
C ARG B 63 27.88 5.83 12.97
N ARG B 64 27.10 6.84 13.34
CA ARG B 64 25.68 6.62 13.60
C ARG B 64 24.99 6.31 12.27
N PRO B 65 24.25 5.19 12.22
CA PRO B 65 23.51 4.70 11.05
C PRO B 65 22.63 5.70 10.30
N GLU B 66 22.58 5.54 8.98
CA GLU B 66 21.78 6.40 8.11
C GLU B 66 20.31 5.98 8.27
N ARG B 67 19.47 6.91 8.73
CA ARG B 67 18.05 6.59 8.93
C ARG B 67 17.12 7.27 7.91
N GLU B 68 17.59 8.35 7.30
CA GLU B 68 16.77 9.05 6.32
C GLU B 68 16.80 8.35 4.97
N VAL B 69 15.80 8.62 4.16
CA VAL B 69 15.68 8.01 2.85
C VAL B 69 16.68 8.53 1.83
N GLY B 70 17.25 9.71 2.08
CA GLY B 70 18.21 10.27 1.14
C GLY B 70 17.68 11.49 0.42
N VAL B 71 16.46 11.39 -0.11
CA VAL B 71 15.84 12.50 -0.81
C VAL B 71 14.61 12.92 -0.03
N GLU B 72 14.03 14.05 -0.42
CA GLU B 72 12.83 14.53 0.24
C GLU B 72 11.63 13.70 -0.21
N VAL B 73 10.72 13.44 0.73
CA VAL B 73 9.52 12.68 0.44
C VAL B 73 8.36 13.40 1.10
N VAL B 74 7.63 14.15 0.28
CA VAL B 74 6.51 14.93 0.72
C VAL B 74 5.22 14.19 0.38
N LEU B 75 4.45 13.86 1.40
CA LEU B 75 3.20 13.17 1.20
C LEU B 75 2.05 14.18 1.31
N TYR B 76 1.34 14.38 0.20
CA TYR B 76 0.20 15.30 0.16
C TYR B 76 -1.02 14.44 0.37
N VAL B 77 -1.54 14.42 1.59
CA VAL B 77 -2.67 13.54 1.89
C VAL B 77 -3.99 14.26 2.23
N ALA B 78 -5.06 13.87 1.56
CA ALA B 78 -6.36 14.49 1.80
C ALA B 78 -6.83 14.29 3.24
N LEU B 79 -7.41 15.34 3.83
CA LEU B 79 -7.93 15.26 5.18
C LEU B 79 -8.89 14.08 5.22
N LEU B 80 -8.97 13.42 6.36
CA LEU B 80 -9.84 12.26 6.43
C LEU B 80 -10.76 12.31 7.63
N LYS B 81 -11.78 11.47 7.62
CA LYS B 81 -12.73 11.38 8.71
C LYS B 81 -12.09 10.76 9.95
N GLY B 82 -12.82 10.78 11.06
CA GLY B 82 -12.32 10.21 12.30
C GLY B 82 -10.94 10.69 12.70
N ASP B 83 -10.14 9.74 13.19
CA ASP B 83 -8.79 10.03 13.63
C ASP B 83 -7.74 9.50 12.64
N LYS B 84 -8.21 8.75 11.64
CA LYS B 84 -7.37 8.15 10.61
C LYS B 84 -6.07 8.89 10.34
N LEU B 85 -6.15 10.19 10.11
CA LEU B 85 -4.96 10.96 9.79
C LEU B 85 -3.82 10.82 10.78
N ALA B 86 -4.15 10.77 12.07
CA ALA B 86 -3.12 10.61 13.08
C ALA B 86 -2.28 9.37 12.76
N GLU B 87 -2.96 8.29 12.45
CA GLU B 87 -2.31 7.01 12.12
C GLU B 87 -1.47 7.07 10.85
N VAL B 88 -1.90 7.86 9.87
CA VAL B 88 -1.17 8.00 8.61
C VAL B 88 0.16 8.72 8.87
N VAL B 89 0.10 9.74 9.71
CA VAL B 89 1.26 10.51 10.09
C VAL B 89 2.32 9.64 10.78
N ARG B 90 1.89 8.88 11.78
CA ARG B 90 2.78 8.00 12.53
C ARG B 90 3.50 7.02 11.58
N ALA B 91 2.72 6.15 10.94
CA ALA B 91 3.27 5.17 10.01
C ALA B 91 4.09 5.85 8.92
N ALA B 92 3.59 6.95 8.37
CA ALA B 92 4.33 7.65 7.34
C ALA B 92 5.67 8.10 7.90
N THR B 93 5.70 8.43 9.19
CA THR B 93 6.96 8.87 9.78
C THR B 93 7.94 7.70 9.78
N GLU B 94 7.43 6.53 10.13
CA GLU B 94 8.25 5.31 10.15
C GLU B 94 8.73 4.96 8.75
N LEU B 95 7.92 5.25 7.75
CA LEU B 95 8.29 4.88 6.39
C LEU B 95 9.20 5.89 5.73
N GLY B 96 9.67 6.87 6.48
CA GLY B 96 10.60 7.85 5.94
C GLY B 96 10.12 9.12 5.28
N ALA B 97 8.85 9.49 5.45
CA ALA B 97 8.37 10.72 4.82
C ALA B 97 9.07 11.90 5.48
N THR B 98 9.29 12.99 4.75
CA THR B 98 9.95 14.14 5.35
C THR B 98 9.02 15.35 5.49
N ARG B 99 7.88 15.31 4.81
CA ARG B 99 6.93 16.40 4.86
C ARG B 99 5.54 15.86 4.60
N ILE B 100 4.61 16.14 5.51
CA ILE B 100 3.24 15.67 5.35
C ILE B 100 2.36 16.89 5.11
N GLN B 101 1.79 16.98 3.92
CA GLN B 101 0.97 18.13 3.57
C GLN B 101 -0.47 17.76 3.37
N PRO B 102 -1.30 18.01 4.39
CA PRO B 102 -2.73 17.70 4.34
C PRO B 102 -3.37 18.55 3.23
N LEU B 103 -4.36 17.98 2.56
CA LEU B 103 -5.05 18.67 1.49
C LEU B 103 -6.56 18.68 1.71
N VAL B 104 -7.17 19.81 1.38
CA VAL B 104 -8.62 19.96 1.46
C VAL B 104 -9.00 19.74 0.01
N THR B 105 -9.87 18.76 -0.25
CA THR B 105 -10.25 18.47 -1.62
C THR B 105 -11.76 18.36 -1.80
N ARG B 106 -12.16 18.20 -3.06
CA ARG B 106 -13.55 18.09 -3.43
C ARG B 106 -14.35 17.21 -2.48
N HIS B 107 -13.89 15.97 -2.30
CA HIS B 107 -14.58 15.03 -1.45
C HIS B 107 -14.08 14.86 -0.02
N SER B 108 -13.07 15.62 0.38
CA SER B 108 -12.61 15.47 1.76
C SER B 108 -13.71 16.06 2.63
N VAL B 109 -14.14 15.32 3.65
CA VAL B 109 -15.19 15.82 4.53
C VAL B 109 -14.69 17.05 5.28
N PRO B 110 -13.61 16.90 6.07
CA PRO B 110 -13.17 18.11 6.76
C PRO B 110 -12.53 19.06 5.74
N LYS B 111 -12.54 20.35 6.05
CA LYS B 111 -11.95 21.34 5.14
C LYS B 111 -10.92 22.21 5.86
N GLU B 112 -10.71 21.95 7.15
CA GLU B 112 -9.72 22.70 7.91
C GLU B 112 -9.12 21.82 8.98
N MSE B 113 -8.50 22.45 9.96
CA MSE B 113 -7.88 21.74 11.07
C MSE B 113 -7.38 22.75 12.10
O MSE B 113 -6.40 23.46 11.86
CB MSE B 113 -6.73 20.88 10.57
CG MSE B 113 -6.05 20.08 11.67
SE MSE B 113 -4.60 18.99 10.99
CE MSE B 113 -5.62 17.39 10.54
N GLY B 114 -8.08 22.83 13.23
CA GLY B 114 -7.70 23.76 14.26
C GLY B 114 -6.23 23.65 14.62
N GLU B 115 -5.70 24.71 15.23
CA GLU B 115 -4.31 24.77 15.65
C GLU B 115 -4.01 23.64 16.63
N GLY B 116 -5.03 23.20 17.36
CA GLY B 116 -4.89 22.14 18.35
C GLY B 116 -4.73 20.76 17.75
N LYS B 117 -5.57 20.45 16.77
CA LYS B 117 -5.50 19.16 16.09
C LYS B 117 -4.14 18.99 15.42
N LEU B 118 -3.64 20.08 14.87
CA LEU B 118 -2.36 20.10 14.17
C LEU B 118 -1.18 19.91 15.14
N ARG B 119 -1.34 20.36 16.37
CA ARG B 119 -0.26 20.21 17.33
C ARG B 119 -0.19 18.75 17.77
N ARG B 120 -1.35 18.10 17.79
CA ARG B 120 -1.40 16.71 18.19
C ARG B 120 -0.71 15.88 17.11
N LEU B 121 -1.02 16.17 15.84
CA LEU B 121 -0.43 15.41 14.76
C LEU B 121 1.09 15.58 14.76
N ARG B 122 1.57 16.72 15.26
CA ARG B 122 3.00 16.97 15.34
C ARG B 122 3.70 16.26 16.48
N ALA B 123 2.97 15.92 17.54
CA ALA B 123 3.57 15.22 18.67
C ALA B 123 3.68 13.75 18.26
N VAL B 124 2.70 13.30 17.47
CA VAL B 124 2.67 11.94 16.97
C VAL B 124 3.85 11.70 16.04
N ALA B 125 4.11 12.67 15.16
CA ALA B 125 5.22 12.57 14.22
C ALA B 125 6.54 12.51 14.96
N LEU B 126 6.67 13.34 15.98
CA LEU B 126 7.87 13.39 16.79
C LEU B 126 8.06 12.09 17.57
N GLU B 127 6.98 11.59 18.15
CA GLU B 127 7.05 10.36 18.93
C GLU B 127 7.37 9.16 18.04
N ALA B 128 6.79 9.12 16.85
CA ALA B 128 7.03 8.00 15.93
C ALA B 128 8.44 8.13 15.36
N ALA B 129 8.93 9.36 15.29
CA ALA B 129 10.27 9.61 14.78
C ALA B 129 11.29 8.95 15.71
N LYS B 130 11.14 9.16 17.02
CA LYS B 130 12.06 8.60 18.00
C LYS B 130 11.99 7.07 18.03
N GLN B 131 10.79 6.53 17.87
CA GLN B 131 10.62 5.08 17.89
C GLN B 131 11.26 4.44 16.68
N SER B 132 11.17 5.11 15.55
CA SER B 132 11.73 4.58 14.32
C SER B 132 13.24 4.76 14.23
N GLY B 133 13.80 5.53 15.16
CA GLY B 133 15.23 5.76 15.17
C GLY B 133 15.72 6.93 14.32
N ARG B 134 14.80 7.83 13.98
CA ARG B 134 15.14 8.99 13.17
C ARG B 134 15.48 10.20 14.02
N VAL B 135 16.27 11.10 13.45
CA VAL B 135 16.64 12.33 14.14
C VAL B 135 15.80 13.42 13.49
N VAL B 136 15.64 13.33 12.18
CA VAL B 136 14.85 14.30 11.42
C VAL B 136 13.36 14.12 11.67
N VAL B 137 12.71 15.16 12.19
CA VAL B 137 11.27 15.08 12.42
C VAL B 137 10.53 15.68 11.23
N PRO B 138 9.68 14.87 10.57
CA PRO B 138 8.89 15.31 9.41
C PRO B 138 8.03 16.51 9.79
N GLU B 139 8.02 17.51 8.91
CA GLU B 139 7.23 18.72 9.14
C GLU B 139 5.77 18.48 8.76
N VAL B 140 4.88 18.55 9.74
CA VAL B 140 3.47 18.37 9.45
C VAL B 140 2.91 19.78 9.35
N LEU B 141 2.33 20.11 8.19
CA LEU B 141 1.83 21.45 7.94
C LEU B 141 0.32 21.60 7.93
N PRO B 142 -0.18 22.86 8.04
CA PRO B 142 -1.60 23.20 8.03
C PRO B 142 -2.20 22.86 6.68
N PRO B 143 -3.39 22.25 6.67
CA PRO B 143 -4.01 21.90 5.39
C PRO B 143 -4.13 23.06 4.39
N ILE B 144 -3.89 22.76 3.12
CA ILE B 144 -3.97 23.76 2.06
C ILE B 144 -4.91 23.26 0.99
N PRO B 145 -5.31 24.12 0.04
CA PRO B 145 -6.21 23.68 -1.03
C PRO B 145 -5.45 22.81 -2.02
N LEU B 146 -6.14 21.87 -2.67
CA LEU B 146 -5.51 20.99 -3.65
C LEU B 146 -4.94 21.78 -4.82
N LYS B 147 -5.53 22.95 -5.09
CA LYS B 147 -5.05 23.78 -6.18
C LYS B 147 -3.69 24.33 -5.78
N ALA B 148 -3.47 24.53 -4.48
CA ALA B 148 -2.21 25.08 -4.02
C ALA B 148 -1.09 24.03 -4.07
N VAL B 149 -1.35 22.89 -4.70
CA VAL B 149 -0.31 21.88 -4.78
C VAL B 149 0.74 22.39 -5.76
N PRO B 150 1.99 22.49 -5.31
CA PRO B 150 3.08 22.99 -6.15
C PRO B 150 3.44 22.08 -7.32
N GLN B 151 4.18 22.63 -8.28
CA GLN B 151 4.62 21.88 -9.44
C GLN B 151 5.72 20.97 -8.90
N VAL B 152 5.76 19.74 -9.37
CA VAL B 152 6.75 18.81 -8.85
C VAL B 152 7.72 18.23 -9.88
N ALA B 153 8.96 18.05 -9.45
CA ALA B 153 9.98 17.47 -10.32
C ALA B 153 9.58 16.03 -10.60
N GLN B 154 9.13 15.34 -9.55
CA GLN B 154 8.70 13.95 -9.65
C GLN B 154 7.57 13.68 -8.67
N GLY B 155 6.40 13.34 -9.19
CA GLY B 155 5.29 13.09 -8.30
C GLY B 155 4.55 11.81 -8.61
N LEU B 156 3.99 11.20 -7.58
CA LEU B 156 3.22 9.97 -7.74
C LEU B 156 1.83 10.14 -7.11
N VAL B 157 0.80 9.80 -7.88
CA VAL B 157 -0.57 9.90 -7.40
C VAL B 157 -1.26 8.55 -7.54
N ALA B 158 -1.83 8.06 -6.45
CA ALA B 158 -2.53 6.78 -6.47
C ALA B 158 -3.87 6.98 -7.14
N HIS B 159 -4.08 6.29 -8.26
CA HIS B 159 -5.32 6.40 -9.01
C HIS B 159 -5.80 5.01 -9.41
N VAL B 160 -7.07 4.73 -9.13
CA VAL B 160 -7.68 3.43 -9.44
C VAL B 160 -7.58 3.04 -10.92
N GLY B 161 -7.50 4.05 -11.80
CA GLY B 161 -7.44 3.78 -13.22
C GLY B 161 -6.11 3.44 -13.85
N ALA B 162 -5.03 4.05 -13.39
CA ALA B 162 -3.71 3.82 -13.96
C ALA B 162 -3.27 2.37 -14.06
N THR B 163 -2.24 2.14 -14.87
CA THR B 163 -1.67 0.80 -15.03
C THR B 163 -0.20 0.81 -14.64
N ALA B 164 0.41 2.00 -14.67
CA ALA B 164 1.82 2.16 -14.33
C ALA B 164 2.12 1.77 -12.88
N ARG B 165 3.14 0.94 -12.70
CA ARG B 165 3.55 0.54 -11.36
C ARG B 165 4.59 1.56 -10.89
N VAL B 166 4.76 1.67 -9.57
CA VAL B 166 5.71 2.60 -8.98
C VAL B 166 7.16 2.31 -9.33
N ARG B 167 7.53 1.03 -9.39
CA ARG B 167 8.90 0.68 -9.72
C ARG B 167 9.21 0.98 -11.19
N GLU B 168 8.18 1.11 -12.02
CA GLU B 168 8.41 1.42 -13.42
C GLU B 168 8.53 2.93 -13.64
N VAL B 169 8.11 3.70 -12.64
CA VAL B 169 8.12 5.15 -12.77
C VAL B 169 9.13 5.89 -11.91
N LEU B 170 9.36 5.38 -10.69
CA LEU B 170 10.26 6.00 -9.72
C LEU B 170 11.75 6.17 -10.06
N ASP B 171 12.28 7.35 -9.73
CA ASP B 171 13.69 7.66 -9.93
C ASP B 171 14.15 7.95 -8.49
N PRO B 172 14.73 6.93 -7.83
CA PRO B 172 15.20 7.04 -6.45
C PRO B 172 16.19 8.16 -6.17
N GLU B 173 16.64 8.81 -7.22
CA GLU B 173 17.62 9.89 -7.07
C GLU B 173 17.03 11.27 -6.87
N LYS B 174 15.80 11.49 -7.34
CA LYS B 174 15.18 12.79 -7.22
C LYS B 174 14.17 12.83 -6.09
N PRO B 175 13.80 14.03 -5.66
CA PRO B 175 12.82 14.16 -4.57
C PRO B 175 11.52 13.49 -4.96
N LEU B 176 10.64 13.32 -3.97
CA LEU B 176 9.37 12.66 -4.17
C LEU B 176 8.18 13.44 -3.64
N ALA B 177 7.11 13.41 -4.42
CA ALA B 177 5.85 14.05 -4.08
C ALA B 177 4.83 12.94 -4.23
N LEU B 178 4.07 12.68 -3.18
CA LEU B 178 3.07 11.62 -3.21
C LEU B 178 1.71 12.17 -2.87
N ALA B 179 0.70 11.75 -3.64
CA ALA B 179 -0.66 12.22 -3.43
C ALA B 179 -1.67 11.10 -3.25
N VAL B 180 -2.55 11.27 -2.28
CA VAL B 180 -3.60 10.31 -2.00
C VAL B 180 -4.89 11.06 -1.68
N GLY B 181 -6.02 10.53 -2.15
CA GLY B 181 -7.28 11.20 -1.90
C GLY B 181 -8.00 10.74 -0.64
N PRO B 182 -9.12 11.37 -0.30
CA PRO B 182 -9.93 11.05 0.88
C PRO B 182 -10.68 9.75 0.63
N GLU B 183 -11.59 9.42 1.55
CA GLU B 183 -12.35 8.19 1.41
C GLU B 183 -13.15 8.17 0.12
N GLY B 184 -13.58 9.35 -0.31
CA GLY B 184 -14.35 9.45 -1.53
C GLY B 184 -13.47 9.49 -2.76
N GLY B 185 -12.16 9.68 -2.55
CA GLY B 185 -11.23 9.72 -3.67
C GLY B 185 -11.02 11.10 -4.24
N PHE B 186 -10.27 11.17 -5.33
CA PHE B 186 -10.01 12.44 -6.02
C PHE B 186 -11.03 12.51 -7.12
N ALA B 187 -11.37 13.73 -7.53
CA ALA B 187 -12.29 13.93 -8.63
C ALA B 187 -11.41 13.95 -9.87
N GLU B 188 -11.84 13.30 -10.95
CA GLU B 188 -11.05 13.25 -12.18
C GLU B 188 -10.43 14.60 -12.58
N GLU B 189 -11.00 15.71 -12.08
CA GLU B 189 -10.45 17.02 -12.42
C GLU B 189 -9.27 17.30 -11.50
N GLU B 190 -9.28 16.67 -10.33
CA GLU B 190 -8.21 16.82 -9.36
C GLU B 190 -6.98 16.00 -9.76
N VAL B 191 -7.23 14.86 -10.41
CA VAL B 191 -6.14 14.00 -10.87
C VAL B 191 -5.51 14.65 -12.11
N ALA B 192 -6.31 15.37 -12.89
CA ALA B 192 -5.81 16.07 -14.06
C ALA B 192 -4.95 17.21 -13.54
N LEU B 193 -5.45 17.92 -12.54
CA LEU B 193 -4.67 19.00 -11.96
C LEU B 193 -3.34 18.42 -11.54
N LEU B 194 -3.38 17.31 -10.80
CA LEU B 194 -2.17 16.65 -10.31
C LEU B 194 -1.20 16.25 -11.41
N GLU B 195 -1.72 15.63 -12.47
CA GLU B 195 -0.88 15.22 -13.60
C GLU B 195 -0.24 16.48 -14.19
N ALA B 196 -1.00 17.57 -14.18
CA ALA B 196 -0.52 18.84 -14.70
C ALA B 196 0.62 19.35 -13.83
N ARG B 197 0.61 18.98 -12.55
CA ARG B 197 1.65 19.41 -11.62
C ARG B 197 2.91 18.55 -11.73
N GLY B 198 2.78 17.38 -12.35
CA GLY B 198 3.94 16.53 -12.48
C GLY B 198 3.78 15.17 -11.83
N PHE B 199 2.63 14.95 -11.17
CA PHE B 199 2.34 13.68 -10.51
C PHE B 199 1.91 12.66 -11.55
N THR B 200 2.53 11.48 -11.52
CA THR B 200 2.20 10.39 -12.44
C THR B 200 1.23 9.41 -11.78
N PRO B 201 0.10 9.11 -12.47
CA PRO B 201 -0.88 8.17 -11.93
C PRO B 201 -0.28 6.76 -11.84
N VAL B 202 -0.44 6.13 -10.68
CA VAL B 202 0.10 4.79 -10.47
C VAL B 202 -0.91 3.83 -9.85
N SER B 203 -0.77 2.56 -10.18
CA SER B 203 -1.68 1.55 -9.67
C SER B 203 -1.26 1.03 -8.29
N LEU B 204 -2.25 0.63 -7.50
CA LEU B 204 -1.99 0.05 -6.21
C LEU B 204 -2.70 -1.28 -6.15
N GLY B 205 -2.96 -1.86 -7.32
CA GLY B 205 -3.59 -3.16 -7.32
C GLY B 205 -5.07 -3.20 -7.62
N ARG B 206 -5.57 -4.42 -7.75
CA ARG B 206 -6.96 -4.64 -8.10
C ARG B 206 -8.00 -4.67 -6.98
N ARG B 207 -7.65 -4.14 -5.81
CA ARG B 207 -8.58 -4.11 -4.67
C ARG B 207 -8.74 -2.68 -4.17
N ILE B 208 -9.87 -2.40 -3.53
CA ILE B 208 -10.15 -1.07 -2.96
C ILE B 208 -9.43 -0.90 -1.64
N LEU B 209 -8.56 0.08 -1.54
CA LEU B 209 -7.82 0.31 -0.30
C LEU B 209 -8.33 1.51 0.48
N ARG B 210 -8.35 1.40 1.81
CA ARG B 210 -8.73 2.52 2.65
C ARG B 210 -7.71 3.59 2.33
N ALA B 211 -8.08 4.86 2.43
CA ALA B 211 -7.14 5.93 2.10
C ALA B 211 -5.87 5.80 2.92
N GLU B 212 -6.01 5.44 4.20
CA GLU B 212 -4.84 5.28 5.06
C GLU B 212 -3.86 4.29 4.43
N THR B 213 -4.37 3.12 4.10
CA THR B 213 -3.55 2.07 3.52
C THR B 213 -2.89 2.44 2.20
N ALA B 214 -3.64 3.14 1.34
CA ALA B 214 -3.13 3.55 0.04
C ALA B 214 -1.91 4.45 0.24
N ALA B 215 -2.04 5.40 1.16
CA ALA B 215 -0.97 6.33 1.46
C ALA B 215 0.27 5.57 1.99
N LEU B 216 0.05 4.68 2.94
CA LEU B 216 1.13 3.89 3.52
C LEU B 216 1.73 2.95 2.46
N ALA B 217 0.89 2.34 1.64
CA ALA B 217 1.37 1.43 0.60
C ALA B 217 2.18 2.17 -0.44
N LEU B 218 1.65 3.31 -0.89
CA LEU B 218 2.32 4.11 -1.90
C LEU B 218 3.67 4.54 -1.38
N LEU B 219 3.71 4.97 -0.13
CA LEU B 219 4.97 5.40 0.45
C LEU B 219 5.96 4.26 0.61
N ALA B 220 5.48 3.10 1.05
CA ALA B 220 6.33 1.94 1.29
C ALA B 220 7.07 1.50 0.02
N LEU B 221 6.36 1.46 -1.10
CA LEU B 221 6.97 1.06 -2.37
C LEU B 221 8.11 2.02 -2.79
N CYS B 222 8.08 3.24 -2.25
CA CYS B 222 9.09 4.26 -2.56
C CYS B 222 10.26 4.30 -1.58
N THR B 223 10.04 3.80 -0.37
CA THR B 223 11.09 3.79 0.64
C THR B 223 11.48 2.35 0.96
N ALA B 224 10.62 1.66 1.70
CA ALA B 224 10.90 0.28 2.06
C ALA B 224 11.27 -0.55 0.82
N GLY B 225 10.51 -0.40 -0.26
CA GLY B 225 10.76 -1.16 -1.46
C GLY B 225 12.12 -0.97 -2.10
N GLU B 226 12.72 0.19 -1.88
CA GLU B 226 14.05 0.48 -2.43
C GLU B 226 15.11 0.28 -1.37
N GLY B 227 14.74 -0.40 -0.29
CA GLY B 227 15.67 -0.64 0.79
C GLY B 227 16.35 0.62 1.31
N ARG B 228 15.57 1.64 1.64
CA ARG B 228 16.15 2.88 2.16
C ARG B 228 15.29 3.51 3.24
N SAH C . 13.92 -6.42 15.42
CA SAH C . 13.58 -5.02 15.72
CB SAH C . 12.33 -4.97 16.59
CG SAH C . 11.14 -5.70 15.96
SD SAH C . 10.40 -4.87 14.50
C SAH C . 14.74 -4.38 16.48
O SAH C . 14.93 -4.77 17.66
OXT SAH C . 15.41 -3.52 15.88
C5' SAH C . 9.07 -6.08 14.19
C4' SAH C . 9.20 -6.81 12.85
O4' SAH C . 8.96 -5.92 11.75
C3' SAH C . 10.61 -7.36 12.64
O3' SAH C . 10.71 -8.63 13.28
C2' SAH C . 10.58 -7.56 11.11
O2' SAH C . 9.80 -8.71 10.79
C1' SAH C . 9.84 -6.30 10.66
N9 SAH C . 10.71 -5.14 10.40
C8 SAH C . 10.69 -3.97 11.05
N7 SAH C . 11.50 -3.11 10.46
C5 SAH C . 12.08 -3.74 9.44
C6 SAH C . 12.99 -3.37 8.45
N6 SAH C . 13.49 -2.14 8.41
N1 SAH C . 13.35 -4.27 7.52
C2 SAH C . 12.84 -5.50 7.53
N3 SAH C . 11.97 -5.88 8.44
C4 SAH C . 11.57 -5.03 9.40
N SAH D . -12.26 7.03 -5.03
CA SAH D . -12.58 5.66 -4.60
CB SAH D . -12.88 5.64 -3.10
CG SAH D . -11.75 6.25 -2.27
SD SAH D . -10.17 5.33 -2.27
C SAH D . -13.81 5.17 -5.38
O SAH D . -14.18 5.88 -6.34
OXT SAH D . -14.36 4.11 -5.00
C5' SAH D . -9.10 6.65 -1.61
C4' SAH D . -7.75 6.77 -2.31
O4' SAH D . -6.88 5.66 -2.04
C3' SAH D . -7.84 6.83 -3.84
O3' SAH D . -8.24 8.15 -4.23
C2' SAH D . -6.36 6.63 -4.14
O2' SAH D . -5.62 7.78 -3.73
C1' SAH D . -6.05 5.46 -3.19
N9 SAH D . -6.41 4.14 -3.76
C8 SAH D . -7.27 3.28 -3.23
N7 SAH D . -7.28 2.15 -3.93
C5 SAH D . -6.43 2.30 -4.94
C6 SAH D . -6.00 1.48 -5.98
N6 SAH D . -6.45 0.24 -6.09
N1 SAH D . -5.07 1.95 -6.84
C2 SAH D . -4.58 3.17 -6.71
N3 SAH D . -4.97 3.96 -5.74
C4 SAH D . -5.87 3.57 -4.83
#